data_5SAT
#
_entry.id   5SAT
#
_cell.length_a   45.170
_cell.length_b   73.400
_cell.length_c   52.560
_cell.angle_alpha   90.000
_cell.angle_beta   109.369
_cell.angle_gamma   90.000
#
_symmetry.space_group_name_H-M   'P 1 21 1'
#
loop_
_entity.id
_entity.type
_entity.pdbx_description
1 polymer Endothiapepsin
2 non-polymer GLYCEROL
3 non-polymer N-cyclopropyl-6-(furan-2-yl)-2-hydroxy-N-[(pyridin-2-yl)methyl]pyridine-3-carboxamide
4 water water
#
_entity_poly.entity_id   1
_entity_poly.type   'polypeptide(L)'
_entity_poly.pdbx_seq_one_letter_code
;MSSPLKNALVTAMLAGGALSSPTKQHVGIPVNASPEVGPGKYSFKQVRNPNYKFNGPLSVKKTYLKYGVPIPAWLEDAVQ
NSTSGLAERSTGSATTTPIDSLDDAYITPVQIGTPAQTLNLDFDTGSSDLWVFSSETTASEVDGQTIYTPSKSTTAKLLS
GATWSISYGDGSSSSGDVYTDTVSVGGLTVTGQAVESAKKVSSSFTEDSTIDGLLGLAFSTLNTVSPTQQKTFFDNAKAS
LDSPVFTADLGYHAPGTYNFGFIDTTAYTGSITYTAVSTKQGFWEWTSTGYAVGSGTFKSTSIDGIADTGTTLLYLPATV
VSAYWAQVSGAKSSSSVGGYVFPCSATLPSFTFGVGSARIVIPGDYIDFGPISTGSSSCFGGIQSSAGIGINIFGDVALK
AAFVVFNGATTPTLGFASK
;
_entity_poly.pdbx_strand_id   A
#
loop_
_chem_comp.id
_chem_comp.type
_chem_comp.name
_chem_comp.formula
GOL non-polymer GLYCEROL 'C3 H8 O3'
ZSY non-polymer N-cyclopropyl-6-(furan-2-yl)-2-hydroxy-N-[(pyridin-2-yl)methyl]pyridine-3-carboxamide 'C19 H17 N3 O3'
#
# COMPACT_ATOMS: atom_id res chain seq x y z
N SER A 90 -16.99 10.82 13.60
CA SER A 90 -16.46 11.43 12.35
C SER A 90 -16.15 10.36 11.29
N THR A 91 -16.05 10.83 10.05
CA THR A 91 -15.67 9.97 8.95
C THR A 91 -14.82 10.79 7.98
N GLY A 92 -14.05 10.09 7.12
CA GLY A 92 -13.43 10.75 5.98
C GLY A 92 -13.56 9.86 4.76
N SER A 93 -13.43 10.52 3.60
CA SER A 93 -13.55 9.82 2.32
C SER A 93 -12.74 10.56 1.28
N ALA A 94 -11.74 9.87 0.73
CA ALA A 94 -10.86 10.46 -0.26
C ALA A 94 -10.67 9.54 -1.46
N THR A 95 -10.58 10.14 -2.64
CA THR A 95 -10.31 9.39 -3.85
C THR A 95 -8.81 9.14 -3.98
N THR A 96 -8.47 7.91 -4.40
CA THR A 96 -7.11 7.52 -4.66
C THR A 96 -6.97 7.19 -6.13
N THR A 97 -5.85 7.62 -6.74
CA THR A 97 -5.68 7.61 -8.18
C THR A 97 -4.38 6.94 -8.57
N PRO A 98 -4.40 6.01 -9.53
CA PRO A 98 -3.13 5.43 -9.99
CA PRO A 98 -3.14 5.44 -10.01
C PRO A 98 -2.19 6.52 -10.49
N ILE A 99 -0.91 6.35 -10.18
CA ILE A 99 0.10 7.31 -10.61
C ILE A 99 0.50 7.15 -12.08
N ASP A 100 0.16 6.03 -12.70
CA ASP A 100 0.54 5.75 -14.07
C ASP A 100 -0.38 4.70 -14.65
N SER A 101 -0.14 4.41 -15.93
CA SER A 101 -1.01 3.52 -16.68
C SER A 101 -0.91 2.06 -16.25
N LEU A 102 0.04 1.70 -15.40
CA LEU A 102 0.21 0.34 -14.88
C LEU A 102 -0.33 0.14 -13.49
N ASP A 103 -0.85 1.20 -12.85
CA ASP A 103 -1.26 1.11 -11.44
C ASP A 103 -0.04 0.75 -10.56
N ASP A 104 1.12 1.38 -10.82
CA ASP A 104 2.31 1.08 -10.03
C ASP A 104 2.15 1.47 -8.56
N ALA A 105 1.38 2.51 -8.32
CA ALA A 105 1.05 2.91 -6.98
C ALA A 105 -0.16 3.85 -7.12
N TYR A 106 -0.67 4.30 -5.98
CA TYR A 106 -1.84 5.14 -5.90
C TYR A 106 -1.55 6.33 -4.98
N ILE A 107 -2.06 7.50 -5.38
CA ILE A 107 -1.87 8.71 -4.60
C ILE A 107 -3.22 9.25 -4.16
N THR A 108 -3.22 9.80 -2.95
CA THR A 108 -4.42 10.33 -2.35
C THR A 108 -4.06 11.72 -1.83
N PRO A 109 -4.88 12.74 -2.09
CA PRO A 109 -4.55 14.07 -1.58
C PRO A 109 -4.77 14.16 -0.08
N VAL A 110 -3.85 14.89 0.58
CA VAL A 110 -3.86 15.02 2.02
C VAL A 110 -3.56 16.49 2.31
N GLN A 111 -4.37 17.10 3.18
CA GLN A 111 -4.18 18.50 3.57
C GLN A 111 -3.35 18.56 4.84
N ILE A 112 -2.25 19.29 4.78
CA ILE A 112 -1.33 19.40 5.92
C ILE A 112 -1.14 20.89 6.27
N GLY A 113 -1.32 21.22 7.53
CA GLY A 113 -0.97 22.55 8.00
C GLY A 113 -2.13 23.54 7.86
N THR A 114 -1.83 24.80 8.28
CA THR A 114 -2.78 25.91 8.25
C THR A 114 -2.08 27.15 7.70
N PRO A 115 -2.52 27.72 6.57
CA PRO A 115 -3.52 27.20 5.64
C PRO A 115 -3.06 25.88 5.10
N ALA A 116 -4.04 25.15 4.57
CA ALA A 116 -3.76 23.82 4.08
C ALA A 116 -2.73 23.85 2.98
N GLN A 117 -1.84 22.84 3.02
CA GLN A 117 -0.91 22.48 1.94
C GLN A 117 -1.28 21.08 1.51
N THR A 118 -1.71 20.94 0.26
CA THR A 118 -2.19 19.66 -0.24
C THR A 118 -1.05 18.92 -0.93
N LEU A 119 -0.78 17.72 -0.43
CA LEU A 119 0.26 16.85 -0.95
C LEU A 119 -0.41 15.54 -1.33
N ASN A 120 0.13 14.88 -2.35
CA ASN A 120 -0.42 13.63 -2.86
C ASN A 120 0.43 12.52 -2.27
N LEU A 121 -0.15 11.78 -1.32
CA LEU A 121 0.61 10.76 -0.58
C LEU A 121 0.24 9.36 -1.03
N ASP A 122 1.19 8.45 -0.83
CA ASP A 122 1.00 7.04 -1.10
C ASP A 122 0.58 6.39 0.22
N PHE A 123 -0.70 6.02 0.30
CA PHE A 123 -1.20 5.41 1.52
C PHE A 123 -0.69 3.97 1.58
N ASP A 124 0.01 3.63 2.66
CA ASP A 124 0.80 2.40 2.70
C ASP A 124 0.43 1.60 3.94
N THR A 125 -0.39 0.56 3.78
CA THR A 125 -0.74 -0.29 4.92
C THR A 125 0.39 -1.24 5.35
N GLY A 126 1.55 -1.15 4.72
CA GLY A 126 2.72 -1.90 5.12
C GLY A 126 3.78 -1.09 5.84
N SER A 127 3.49 0.16 6.20
CA SER A 127 4.44 0.97 6.97
C SER A 127 3.65 1.89 7.84
N SER A 128 4.37 2.65 8.69
CA SER A 128 3.68 3.36 9.77
C SER A 128 4.23 4.76 9.99
N ASP A 129 4.88 5.34 8.98
CA ASP A 129 5.39 6.69 9.01
C ASP A 129 4.61 7.53 7.99
N LEU A 130 4.26 8.75 8.40
CA LEU A 130 3.73 9.75 7.49
C LEU A 130 4.87 10.70 7.25
N TRP A 131 5.46 10.62 6.06
CA TRP A 131 6.60 11.48 5.75
C TRP A 131 6.35 12.15 4.40
N VAL A 132 6.93 13.34 4.29
CA VAL A 132 6.70 14.19 3.13
C VAL A 132 7.98 14.84 2.63
N PHE A 133 8.05 15.01 1.30
CA PHE A 133 8.97 15.98 0.72
C PHE A 133 8.67 17.34 1.33
N SER A 134 9.72 18.13 1.60
CA SER A 134 9.54 19.36 2.35
C SER A 134 10.56 20.40 1.92
N SER A 135 10.40 21.59 2.50
CA SER A 135 11.37 22.67 2.34
C SER A 135 12.74 22.32 2.89
N GLU A 136 12.84 21.29 3.71
CA GLU A 136 14.09 20.79 4.26
C GLU A 136 14.77 19.73 3.41
N THR A 137 14.11 19.19 2.41
CA THR A 137 14.68 18.12 1.58
C THR A 137 15.83 18.67 0.74
N THR A 138 16.95 17.96 0.76
CA THR A 138 18.10 18.33 -0.06
C THR A 138 17.63 18.69 -1.45
N ALA A 139 18.03 19.89 -1.92
CA ALA A 139 17.38 20.46 -3.10
C ALA A 139 17.60 19.61 -4.33
N SER A 140 18.78 18.97 -4.44
CA SER A 140 19.10 18.07 -5.55
C SER A 140 18.31 16.75 -5.52
N GLU A 141 17.58 16.49 -4.46
CA GLU A 141 16.76 15.28 -4.34
C GLU A 141 15.30 15.54 -4.57
N VAL A 142 14.93 16.77 -4.90
CA VAL A 142 13.56 17.15 -5.21
C VAL A 142 13.50 17.41 -6.71
N ASP A 143 12.55 16.73 -7.40
CA ASP A 143 12.39 16.81 -8.89
C ASP A 143 10.90 16.73 -9.24
N GLY A 144 10.21 17.81 -8.99
CA GLY A 144 8.82 17.97 -9.38
C GLY A 144 7.81 17.68 -8.31
N GLN A 145 8.22 17.14 -7.15
CA GLN A 145 7.24 16.88 -6.09
C GLN A 145 6.77 18.20 -5.47
N THR A 146 5.56 18.17 -4.92
CA THR A 146 5.06 19.23 -4.06
C THR A 146 5.63 19.04 -2.66
N ILE A 147 6.08 20.13 -2.04
CA ILE A 147 6.73 20.08 -0.76
C ILE A 147 5.82 20.69 0.30
N TYR A 148 5.98 20.17 1.51
CA TYR A 148 5.47 20.78 2.72
C TYR A 148 6.51 21.76 3.27
N THR A 149 6.06 22.97 3.58
CA THR A 149 6.91 24.00 4.17
C THR A 149 6.36 24.30 5.55
N PRO A 150 6.93 23.71 6.60
CA PRO A 150 6.35 23.96 7.94
C PRO A 150 6.36 25.42 8.36
N SER A 151 7.29 26.23 7.87
CA SER A 151 7.38 27.61 8.31
C SER A 151 6.21 28.44 7.83
N LYS A 152 5.46 27.94 6.84
N LYS A 152 5.45 27.95 6.84
CA LYS A 152 4.27 28.61 6.31
CA LYS A 152 4.27 28.63 6.32
C LYS A 152 2.99 28.11 6.97
C LYS A 152 2.99 28.11 6.97
N SER A 153 3.11 27.22 7.95
CA SER A 153 1.94 26.66 8.65
C SER A 153 1.89 27.23 10.07
N THR A 154 0.78 27.86 10.40
CA THR A 154 0.67 28.46 11.74
C THR A 154 0.44 27.44 12.82
N THR A 155 0.13 26.20 12.44
CA THR A 155 -0.12 25.12 13.38
C THR A 155 1.06 24.13 13.45
N ALA A 156 2.12 24.32 12.65
CA ALA A 156 3.27 23.43 12.73
C ALA A 156 4.09 23.72 13.98
N LYS A 157 4.60 22.67 14.60
N LYS A 157 4.60 22.67 14.60
CA LYS A 157 5.50 22.81 15.74
CA LYS A 157 5.49 22.78 15.75
C LYS A 157 6.60 21.76 15.62
C LYS A 157 6.60 21.75 15.61
N LEU A 158 7.86 22.18 15.69
CA LEU A 158 8.95 21.20 15.69
C LEU A 158 8.80 20.26 16.89
N LEU A 159 8.89 18.96 16.62
CA LEU A 159 8.94 17.94 17.68
C LEU A 159 10.41 17.84 18.06
N SER A 160 10.75 18.52 19.13
CA SER A 160 12.15 18.78 19.43
CA SER A 160 12.14 18.79 19.46
C SER A 160 12.90 17.49 19.66
N GLY A 161 14.03 17.34 18.96
CA GLY A 161 14.86 16.18 19.14
C GLY A 161 14.49 14.96 18.34
N ALA A 162 13.34 14.95 17.69
CA ALA A 162 12.86 13.74 17.04
C ALA A 162 13.43 13.61 15.63
N THR A 163 13.82 12.42 15.29
CA THR A 163 14.31 12.10 13.96
C THR A 163 13.65 10.83 13.48
N TRP A 164 13.79 10.54 12.20
CA TRP A 164 13.21 9.34 11.65
C TRP A 164 14.08 8.87 10.49
N SER A 165 13.97 7.58 10.20
CA SER A 165 14.76 7.01 9.13
C SER A 165 14.13 5.67 8.78
N ILE A 166 13.81 5.49 7.51
CA ILE A 166 13.12 4.28 7.08
C ILE A 166 13.72 3.75 5.79
N SER A 167 13.66 2.42 5.64
CA SER A 167 14.08 1.68 4.45
C SER A 167 12.96 0.75 4.08
N TYR A 168 12.73 0.61 2.78
CA TYR A 168 11.61 -0.16 2.31
C TYR A 168 12.16 -1.40 1.60
N GLY A 169 11.28 -2.37 1.37
CA GLY A 169 11.75 -3.63 0.83
C GLY A 169 12.25 -3.57 -0.59
N ASP A 170 12.00 -2.48 -1.32
CA ASP A 170 12.58 -2.25 -2.63
C ASP A 170 13.93 -1.56 -2.57
N GLY A 171 14.49 -1.37 -1.39
CA GLY A 171 15.78 -0.71 -1.26
C GLY A 171 15.75 0.80 -1.12
N SER A 172 14.58 1.43 -1.25
CA SER A 172 14.51 2.88 -1.16
C SER A 172 14.49 3.30 0.32
N SER A 173 14.68 4.60 0.55
CA SER A 173 14.79 5.06 1.92
C SER A 173 14.62 6.57 1.99
N SER A 174 14.38 7.04 3.20
CA SER A 174 14.25 8.46 3.47
C SER A 174 14.42 8.68 4.96
N SER A 175 14.74 9.93 5.31
CA SER A 175 15.00 10.28 6.71
C SER A 175 14.89 11.79 6.91
N GLY A 176 14.67 12.18 8.16
CA GLY A 176 14.69 13.60 8.47
C GLY A 176 14.30 13.90 9.88
N ASP A 177 13.61 15.03 10.08
CA ASP A 177 13.12 15.53 11.40
C ASP A 177 11.59 15.51 11.38
N VAL A 178 10.95 16.01 12.45
CA VAL A 178 9.54 15.78 12.66
C VAL A 178 8.88 17.06 13.16
N TYR A 179 7.68 17.31 12.65
CA TYR A 179 6.84 18.38 13.13
C TYR A 179 5.55 17.71 13.54
N THR A 180 4.80 18.35 14.42
CA THR A 180 3.40 18.01 14.56
C THR A 180 2.58 19.08 13.86
N ASP A 181 1.48 18.68 13.25
CA ASP A 181 0.63 19.65 12.52
C ASP A 181 -0.75 19.01 12.32
N THR A 182 -1.67 19.81 11.80
CA THR A 182 -3.02 19.35 11.49
C THR A 182 -2.99 18.68 10.14
N VAL A 183 -3.61 17.50 10.06
CA VAL A 183 -3.61 16.67 8.85
C VAL A 183 -5.04 16.24 8.61
N SER A 184 -5.56 16.45 7.39
CA SER A 184 -6.93 16.06 7.07
C SER A 184 -6.89 15.18 5.83
N VAL A 185 -7.73 14.17 5.81
CA VAL A 185 -7.88 13.23 4.70
C VAL A 185 -9.37 13.17 4.44
N GLY A 186 -9.78 13.65 3.29
CA GLY A 186 -11.14 13.44 2.90
C GLY A 186 -12.16 14.00 3.87
N GLY A 187 -11.83 15.14 4.52
CA GLY A 187 -12.72 15.77 5.49
C GLY A 187 -12.51 15.33 6.94
N LEU A 188 -11.68 14.32 7.20
CA LEU A 188 -11.39 13.86 8.55
C LEU A 188 -10.12 14.51 9.03
N THR A 189 -10.15 15.19 10.18
CA THR A 189 -9.02 15.99 10.65
C THR A 189 -8.42 15.39 11.91
N VAL A 190 -7.10 15.33 11.97
CA VAL A 190 -6.34 14.97 13.16
C VAL A 190 -5.47 16.14 13.49
N THR A 191 -5.58 16.65 14.73
CA THR A 191 -4.63 17.65 15.19
C THR A 191 -3.46 16.95 15.87
N GLY A 192 -2.29 17.58 15.81
CA GLY A 192 -1.11 17.05 16.47
C GLY A 192 -0.54 15.81 15.84
N GLN A 193 -0.81 15.59 14.55
CA GLN A 193 -0.24 14.46 13.83
C GLN A 193 1.24 14.66 13.59
N ALA A 194 2.02 13.62 13.85
CA ALA A 194 3.43 13.66 13.46
C ALA A 194 3.55 13.65 11.94
N VAL A 195 4.16 14.71 11.42
CA VAL A 195 4.50 14.88 10.01
C VAL A 195 6.02 14.84 9.92
N GLU A 196 6.54 13.78 9.33
CA GLU A 196 7.97 13.53 9.29
C GLU A 196 8.50 14.18 8.02
N SER A 197 9.36 15.17 8.21
CA SER A 197 9.86 16.02 7.13
C SER A 197 11.16 15.42 6.60
N ALA A 198 11.19 15.05 5.31
CA ALA A 198 12.41 14.45 4.72
C ALA A 198 13.52 15.47 4.58
N LYS A 199 14.68 15.15 5.16
CA LYS A 199 15.91 15.84 4.78
C LYS A 199 16.62 15.15 3.64
N LYS A 200 16.48 13.83 3.51
N LYS A 200 16.45 13.83 3.52
CA LYS A 200 17.14 13.06 2.47
CA LYS A 200 17.10 13.00 2.52
C LYS A 200 16.16 12.00 1.99
C LYS A 200 16.06 12.03 1.98
N VAL A 201 16.12 11.77 0.67
CA VAL A 201 15.33 10.70 0.07
C VAL A 201 16.20 9.97 -0.94
N SER A 202 15.94 8.67 -1.11
CA SER A 202 16.74 7.92 -2.09
C SER A 202 16.26 8.22 -3.50
N SER A 203 17.04 7.77 -4.47
N SER A 203 17.05 7.71 -4.44
CA SER A 203 16.81 8.22 -5.84
CA SER A 203 16.88 8.08 -5.84
C SER A 203 15.46 7.79 -6.40
C SER A 203 15.49 7.72 -6.38
N SER A 204 14.96 6.60 -6.01
N SER A 204 14.96 6.56 -5.99
CA SER A 204 13.66 6.18 -6.49
CA SER A 204 13.65 6.17 -6.47
C SER A 204 12.56 7.17 -6.10
C SER A 204 12.57 7.19 -6.11
N PHE A 205 12.67 7.81 -4.94
CA PHE A 205 11.70 8.81 -4.57
C PHE A 205 11.87 10.06 -5.42
N THR A 206 13.11 10.52 -5.56
CA THR A 206 13.35 11.71 -6.37
C THR A 206 12.81 11.52 -7.76
N GLU A 207 12.99 10.32 -8.30
CA GLU A 207 12.65 10.02 -9.69
C GLU A 207 11.17 9.87 -9.94
N ASP A 208 10.36 9.76 -8.90
CA ASP A 208 8.92 9.64 -8.99
C ASP A 208 8.31 10.99 -8.62
N SER A 209 8.06 11.83 -9.62
CA SER A 209 7.51 13.16 -9.38
C SER A 209 6.09 13.13 -8.88
N THR A 210 5.42 11.99 -8.94
N THR A 210 5.42 11.98 -8.94
CA THR A 210 3.99 11.95 -8.63
CA THR A 210 3.99 11.89 -8.64
C THR A 210 3.69 11.67 -7.17
C THR A 210 3.70 11.67 -7.16
N ILE A 211 4.68 11.20 -6.40
CA ILE A 211 4.50 10.83 -4.98
C ILE A 211 5.23 11.85 -4.13
N ASP A 212 4.46 12.60 -3.32
CA ASP A 212 4.97 13.65 -2.47
C ASP A 212 5.31 13.15 -1.06
N GLY A 213 5.09 11.88 -0.80
CA GLY A 213 5.32 11.30 0.51
C GLY A 213 4.48 10.06 0.70
N LEU A 214 4.63 9.47 1.89
CA LEU A 214 3.88 8.30 2.27
C LEU A 214 3.04 8.61 3.50
N LEU A 215 1.91 7.91 3.59
CA LEU A 215 1.00 7.94 4.74
C LEU A 215 0.85 6.50 5.22
N GLY A 216 1.55 6.17 6.32
CA GLY A 216 1.58 4.80 6.80
C GLY A 216 0.32 4.44 7.56
N LEU A 217 -0.17 3.23 7.28
CA LEU A 217 -1.40 2.70 7.86
C LEU A 217 -1.21 1.29 8.46
N ALA A 218 0.03 0.83 8.64
CA ALA A 218 0.26 -0.36 9.44
C ALA A 218 0.14 0.02 10.93
N PHE A 219 0.56 -0.86 11.82
CA PHE A 219 0.44 -0.55 13.25
C PHE A 219 1.56 0.35 13.73
N SER A 220 1.23 1.20 14.72
CA SER A 220 2.15 2.24 15.15
C SER A 220 3.44 1.69 15.74
N THR A 221 3.48 0.40 16.07
CA THR A 221 4.67 -0.21 16.62
C THR A 221 5.80 -0.22 15.59
N LEU A 222 5.47 -0.04 14.28
CA LEU A 222 6.52 0.06 13.25
C LEU A 222 7.02 1.47 13.01
N ASN A 223 6.47 2.47 13.71
CA ASN A 223 6.83 3.84 13.39
C ASN A 223 8.29 4.08 13.78
N THR A 224 9.00 4.75 12.90
CA THR A 224 10.45 4.86 13.08
C THR A 224 10.89 6.07 13.91
N VAL A 225 9.97 6.93 14.35
CA VAL A 225 10.46 8.14 15.00
C VAL A 225 11.18 7.77 16.30
N SER A 226 12.30 8.44 16.54
CA SER A 226 13.14 8.29 17.70
C SER A 226 13.43 9.66 18.29
N PRO A 227 13.49 9.81 19.63
CA PRO A 227 13.42 8.76 20.65
C PRO A 227 11.98 8.39 21.12
N THR A 228 10.94 9.07 20.59
CA THR A 228 9.56 8.89 21.07
C THR A 228 8.78 8.48 19.83
N GLN A 229 8.40 7.19 19.76
CA GLN A 229 7.68 6.67 18.61
C GLN A 229 6.32 7.37 18.54
N GLN A 230 5.89 7.59 17.31
CA GLN A 230 4.70 8.37 17.00
C GLN A 230 3.60 7.49 16.45
N LYS A 231 2.35 7.97 16.57
CA LYS A 231 1.18 7.20 16.10
C LYS A 231 0.86 7.49 14.64
N THR A 232 0.25 6.51 13.97
CA THR A 232 -0.21 6.76 12.61
C THR A 232 -1.44 7.66 12.61
N PHE A 233 -1.76 8.18 11.42
CA PHE A 233 -2.97 8.98 11.24
C PHE A 233 -4.20 8.21 11.68
N PHE A 234 -4.28 6.91 11.33
CA PHE A 234 -5.44 6.11 11.71
C PHE A 234 -5.51 5.92 13.20
N ASP A 235 -4.37 5.65 13.85
N ASP A 235 -4.39 5.62 13.86
CA ASP A 235 -4.35 5.48 15.30
CA ASP A 235 -4.46 5.47 15.32
C ASP A 235 -4.80 6.75 15.99
C ASP A 235 -4.90 6.78 15.95
N ASN A 236 -4.35 7.91 15.50
CA ASN A 236 -4.74 9.17 16.11
C ASN A 236 -6.22 9.45 15.88
N ALA A 237 -6.77 9.05 14.73
CA ALA A 237 -8.16 9.39 14.43
C ALA A 237 -9.17 8.42 15.06
N LYS A 238 -8.76 7.20 15.43
N LYS A 238 -8.72 7.23 15.46
CA LYS A 238 -9.75 6.12 15.57
CA LYS A 238 -9.62 6.10 15.68
C LYS A 238 -10.76 6.38 16.68
C LYS A 238 -10.73 6.43 16.65
N ALA A 239 -10.37 7.09 17.74
CA ALA A 239 -11.33 7.32 18.80
C ALA A 239 -12.46 8.24 18.35
N SER A 240 -12.18 9.14 17.41
N SER A 240 -12.17 9.14 17.40
CA SER A 240 -13.21 10.03 16.90
CA SER A 240 -13.16 10.07 16.86
C SER A 240 -14.07 9.36 15.85
C SER A 240 -13.96 9.48 15.71
N LEU A 241 -13.57 8.32 15.19
CA LEU A 241 -14.28 7.72 14.08
C LEU A 241 -15.59 7.09 14.53
N ASP A 242 -16.58 7.09 13.63
CA ASP A 242 -17.85 6.44 13.95
C ASP A 242 -17.64 4.95 14.27
N SER A 243 -16.76 4.31 13.52
CA SER A 243 -16.39 2.89 13.64
C SER A 243 -14.89 2.86 13.42
N PRO A 244 -14.12 2.03 14.19
CA PRO A 244 -12.64 2.14 14.17
C PRO A 244 -12.03 1.34 13.01
N VAL A 245 -12.34 1.80 11.78
CA VAL A 245 -12.05 1.06 10.57
C VAL A 245 -11.61 2.05 9.50
N PHE A 246 -10.81 1.54 8.56
CA PHE A 246 -10.69 2.18 7.26
C PHE A 246 -10.84 1.12 6.18
N THR A 247 -11.16 1.57 4.98
CA THR A 247 -11.37 0.65 3.87
C THR A 247 -10.58 1.12 2.68
N ALA A 248 -10.08 0.14 1.93
CA ALA A 248 -9.34 0.37 0.70
C ALA A 248 -10.10 -0.21 -0.47
N ASP A 249 -10.36 0.61 -1.45
CA ASP A 249 -11.14 0.21 -2.62
C ASP A 249 -10.33 0.73 -3.80
N LEU A 250 -9.31 -0.02 -4.19
CA LEU A 250 -8.41 0.41 -5.23
C LEU A 250 -8.95 0.04 -6.60
N GLY A 251 -8.80 0.95 -7.57
CA GLY A 251 -9.27 0.70 -8.88
C GLY A 251 -8.25 0.03 -9.77
N TYR A 252 -8.76 -0.67 -10.77
CA TYR A 252 -7.97 -1.20 -11.88
C TYR A 252 -7.99 -0.18 -13.00
N HIS A 253 -6.85 0.43 -13.24
CA HIS A 253 -6.73 1.45 -14.28
C HIS A 253 -7.78 2.53 -14.10
N ALA A 254 -8.07 2.88 -12.85
CA ALA A 254 -9.15 3.82 -12.57
C ALA A 254 -9.03 4.29 -11.14
N PRO A 255 -9.61 5.43 -10.81
CA PRO A 255 -9.63 5.85 -9.42
C PRO A 255 -10.45 4.94 -8.51
N GLY A 256 -10.14 5.04 -7.25
CA GLY A 256 -10.86 4.33 -6.18
C GLY A 256 -10.95 5.20 -4.94
N THR A 257 -11.10 4.58 -3.78
CA THR A 257 -11.46 5.32 -2.59
C THR A 257 -10.82 4.71 -1.34
N TYR A 258 -10.35 5.59 -0.44
CA TYR A 258 -10.05 5.23 0.94
C TYR A 258 -11.12 5.90 1.82
N ASN A 259 -11.83 5.12 2.60
CA ASN A 259 -12.77 5.65 3.58
C ASN A 259 -12.27 5.38 5.00
N PHE A 260 -12.57 6.30 5.91
CA PHE A 260 -12.23 6.19 7.33
C PHE A 260 -13.48 6.29 8.15
N GLY A 261 -13.71 5.29 8.98
CA GLY A 261 -14.76 5.38 9.97
C GLY A 261 -16.08 4.81 9.57
N PHE A 262 -16.23 4.26 8.37
CA PHE A 262 -17.50 3.66 7.96
C PHE A 262 -17.23 2.70 6.82
N ILE A 263 -18.15 1.76 6.65
N ILE A 263 -18.18 1.77 6.67
CA ILE A 263 -18.13 0.80 5.56
CA ILE A 263 -18.24 0.80 5.58
C ILE A 263 -19.26 1.15 4.59
C ILE A 263 -19.28 1.31 4.60
N ASP A 264 -18.88 1.53 3.35
CA ASP A 264 -19.82 1.87 2.29
C ASP A 264 -20.39 0.58 1.72
N THR A 265 -21.64 0.28 2.09
CA THR A 265 -22.25 -0.97 1.69
C THR A 265 -22.64 -0.97 0.22
N THR A 266 -22.53 0.16 -0.47
CA THR A 266 -22.78 0.20 -1.90
C THR A 266 -21.54 -0.10 -2.73
N ALA A 267 -20.40 -0.27 -2.09
CA ALA A 267 -19.13 -0.35 -2.78
C ALA A 267 -18.67 -1.79 -3.05
N TYR A 268 -19.45 -2.78 -2.70
CA TYR A 268 -19.02 -4.17 -2.89
C TYR A 268 -20.27 -4.99 -3.14
N THR A 269 -20.03 -6.20 -3.63
CA THR A 269 -21.08 -7.15 -3.93
C THR A 269 -21.00 -8.26 -2.91
N GLY A 270 -22.11 -8.94 -2.69
CA GLY A 270 -22.11 -10.04 -1.72
C GLY A 270 -21.84 -9.56 -0.30
N SER A 271 -21.18 -10.41 0.49
N SER A 271 -21.16 -10.41 0.48
CA SER A 271 -20.86 -10.09 1.87
CA SER A 271 -20.84 -10.16 1.88
C SER A 271 -19.35 -9.94 2.05
C SER A 271 -19.35 -10.01 2.08
N ILE A 272 -18.99 -9.34 3.17
CA ILE A 272 -17.61 -9.16 3.53
C ILE A 272 -17.24 -10.37 4.38
N THR A 273 -16.15 -11.03 4.05
CA THR A 273 -15.65 -12.12 4.88
C THR A 273 -14.49 -11.62 5.70
N TYR A 274 -14.61 -11.76 7.01
CA TYR A 274 -13.60 -11.31 7.94
C TYR A 274 -12.69 -12.45 8.38
N THR A 275 -11.42 -12.11 8.57
CA THR A 275 -10.39 -13.09 8.87
C THR A 275 -9.44 -12.51 9.92
N ALA A 276 -8.85 -13.40 10.70
CA ALA A 276 -8.00 -13.00 11.81
C ALA A 276 -6.71 -12.32 11.36
N VAL A 277 -6.24 -11.38 12.18
CA VAL A 277 -5.02 -10.62 11.96
C VAL A 277 -4.06 -10.84 13.14
N SER A 278 -2.78 -11.02 12.82
CA SER A 278 -1.72 -11.01 13.81
C SER A 278 -1.00 -9.69 13.68
N THR A 279 -0.88 -8.96 14.78
CA THR A 279 -0.12 -7.72 14.79
C THR A 279 1.32 -7.89 15.25
N LYS A 280 1.76 -9.12 15.47
CA LYS A 280 3.05 -9.34 16.12
C LYS A 280 4.24 -8.81 15.34
N GLN A 281 4.14 -8.71 14.02
CA GLN A 281 5.19 -8.07 13.22
C GLN A 281 4.84 -6.62 12.84
N GLY A 282 3.77 -6.07 13.39
CA GLY A 282 3.33 -4.72 13.08
C GLY A 282 2.55 -4.55 11.79
N PHE A 283 2.26 -5.62 11.08
CA PHE A 283 1.55 -5.57 9.81
C PHE A 283 0.11 -6.08 9.96
N TRP A 284 -0.70 -5.83 8.91
CA TRP A 284 -2.01 -6.42 8.76
C TRP A 284 -1.77 -7.82 8.18
N GLU A 285 -1.35 -8.70 9.07
CA GLU A 285 -0.91 -10.05 8.71
C GLU A 285 -2.03 -11.05 8.92
N TRP A 286 -2.31 -11.85 7.91
CA TRP A 286 -3.46 -12.75 7.89
C TRP A 286 -3.04 -14.02 7.19
N THR A 287 -3.93 -14.99 7.12
CA THR A 287 -3.69 -16.32 6.53
C THR A 287 -4.76 -16.62 5.50
N SER A 288 -4.36 -16.59 4.23
CA SER A 288 -5.24 -16.99 3.16
C SER A 288 -5.44 -18.50 3.22
N THR A 289 -6.61 -18.96 2.79
CA THR A 289 -6.96 -20.38 2.88
C THR A 289 -6.61 -21.15 1.62
N GLY A 290 -6.01 -20.50 0.62
CA GLY A 290 -5.48 -21.25 -0.54
C GLY A 290 -5.68 -20.48 -1.84
N TYR A 291 -5.56 -21.20 -2.97
CA TYR A 291 -5.57 -20.52 -4.25
C TYR A 291 -6.06 -21.42 -5.38
N ALA A 292 -6.42 -20.76 -6.49
CA ALA A 292 -6.67 -21.46 -7.75
C ALA A 292 -6.03 -20.66 -8.88
N VAL A 293 -5.65 -21.36 -9.94
CA VAL A 293 -5.10 -20.76 -11.18
C VAL A 293 -6.14 -20.94 -12.29
N GLY A 294 -6.61 -19.81 -12.84
CA GLY A 294 -7.67 -19.85 -13.85
C GLY A 294 -8.86 -20.66 -13.39
N SER A 295 -9.34 -21.51 -14.27
CA SER A 295 -10.49 -22.36 -14.00
CA SER A 295 -10.49 -22.35 -13.97
C SER A 295 -10.13 -23.63 -13.23
N GLY A 296 -8.89 -23.72 -12.73
CA GLY A 296 -8.40 -24.89 -12.03
C GLY A 296 -9.04 -25.10 -10.67
N THR A 297 -8.77 -26.28 -10.11
CA THR A 297 -9.38 -26.62 -8.83
C THR A 297 -8.65 -25.84 -7.75
N PHE A 298 -9.39 -25.53 -6.70
CA PHE A 298 -8.84 -24.76 -5.60
C PHE A 298 -8.00 -25.68 -4.74
N LYS A 299 -6.83 -25.19 -4.38
CA LYS A 299 -5.90 -25.88 -3.50
C LYS A 299 -6.02 -25.26 -2.11
N SER A 300 -6.40 -26.08 -1.15
CA SER A 300 -6.54 -25.63 0.22
C SER A 300 -5.17 -25.70 0.86
N THR A 301 -4.68 -24.54 1.26
CA THR A 301 -3.33 -24.42 1.80
C THR A 301 -3.19 -23.08 2.48
N SER A 302 -2.62 -23.08 3.66
CA SER A 302 -2.51 -21.82 4.42
C SER A 302 -1.34 -21.01 3.91
N ILE A 303 -1.63 -19.76 3.58
CA ILE A 303 -0.62 -18.82 3.08
C ILE A 303 -0.64 -17.58 3.97
N ASP A 304 0.37 -17.45 4.83
CA ASP A 304 0.47 -16.30 5.73
CA ASP A 304 0.45 -16.30 5.72
C ASP A 304 1.04 -15.11 4.95
N GLY A 305 0.44 -13.94 5.08
CA GLY A 305 1.00 -12.81 4.36
C GLY A 305 0.34 -11.52 4.80
N ILE A 306 0.79 -10.40 4.24
CA ILE A 306 0.33 -9.09 4.69
C ILE A 306 -0.48 -8.39 3.62
N ALA A 307 -1.47 -7.65 4.07
CA ALA A 307 -2.23 -6.80 3.17
C ALA A 307 -1.54 -5.45 3.09
N ASP A 308 -0.94 -5.16 1.91
CA ASP A 308 0.04 -4.06 1.77
C ASP A 308 -0.31 -3.18 0.55
N THR A 309 -1.03 -2.11 0.78
CA THR A 309 -1.37 -1.19 -0.31
C THR A 309 -0.17 -0.52 -0.90
N GLY A 310 0.93 -0.49 -0.18
CA GLY A 310 2.14 0.18 -0.62
C GLY A 310 3.07 -0.66 -1.48
N THR A 311 2.67 -1.89 -1.77
CA THR A 311 3.42 -2.78 -2.63
C THR A 311 2.56 -3.00 -3.87
N THR A 312 3.21 -2.90 -5.07
CA THR A 312 2.48 -3.01 -6.33
C THR A 312 1.96 -4.43 -6.59
N LEU A 313 2.84 -5.41 -6.42
CA LEU A 313 2.58 -6.75 -6.92
C LEU A 313 2.12 -7.71 -5.83
N LEU A 314 1.82 -8.93 -6.25
CA LEU A 314 1.41 -10.02 -5.36
C LEU A 314 2.59 -10.98 -5.25
N TYR A 315 3.13 -11.12 -4.04
CA TYR A 315 4.33 -11.93 -3.78
C TYR A 315 3.92 -13.13 -2.94
N LEU A 316 4.11 -14.33 -3.53
CA LEU A 316 3.60 -15.55 -2.91
C LEU A 316 4.67 -16.65 -2.98
N PRO A 317 4.49 -17.76 -2.27
CA PRO A 317 5.54 -18.78 -2.23
C PRO A 317 5.87 -19.29 -3.62
N ALA A 318 7.12 -19.71 -3.79
CA ALA A 318 7.62 -20.10 -5.12
C ALA A 318 6.80 -21.23 -5.71
N THR A 319 6.28 -22.16 -4.87
CA THR A 319 5.45 -23.26 -5.40
C THR A 319 4.20 -22.72 -6.06
N VAL A 320 3.56 -21.74 -5.39
CA VAL A 320 2.33 -21.16 -5.91
C VAL A 320 2.61 -20.41 -7.20
N VAL A 321 3.66 -19.59 -7.20
CA VAL A 321 3.96 -18.77 -8.35
C VAL A 321 4.34 -19.62 -9.55
N SER A 322 5.08 -20.70 -9.32
CA SER A 322 5.40 -21.63 -10.41
C SER A 322 4.15 -22.24 -11.00
N ALA A 323 3.22 -22.67 -10.16
CA ALA A 323 1.98 -23.23 -10.67
C ALA A 323 1.20 -22.23 -11.54
N TYR A 324 1.18 -20.96 -11.13
CA TYR A 324 0.49 -19.94 -11.93
C TYR A 324 1.16 -19.82 -13.30
N TRP A 325 2.47 -19.52 -13.32
CA TRP A 325 3.14 -19.20 -14.57
C TRP A 325 3.27 -20.40 -15.48
N ALA A 326 3.20 -21.62 -14.95
CA ALA A 326 3.17 -22.82 -15.79
C ALA A 326 1.99 -22.84 -16.73
N GLN A 327 0.93 -22.09 -16.43
CA GLN A 327 -0.25 -22.04 -17.27
C GLN A 327 -0.14 -21.01 -18.39
N VAL A 328 0.98 -20.30 -18.47
CA VAL A 328 1.20 -19.25 -19.49
C VAL A 328 2.30 -19.68 -20.43
N SER A 329 1.93 -19.95 -21.68
CA SER A 329 2.92 -20.39 -22.66
CA SER A 329 2.93 -20.41 -22.63
C SER A 329 4.02 -19.37 -22.82
N GLY A 330 5.27 -19.82 -22.65
CA GLY A 330 6.44 -19.02 -22.80
C GLY A 330 6.86 -18.24 -21.57
N ALA A 331 6.11 -18.30 -20.47
CA ALA A 331 6.53 -17.60 -19.28
C ALA A 331 7.77 -18.27 -18.71
N LYS A 332 8.59 -17.46 -18.07
CA LYS A 332 9.79 -17.98 -17.42
C LYS A 332 10.24 -17.00 -16.34
N SER A 333 11.01 -17.49 -15.38
CA SER A 333 11.68 -16.63 -14.40
C SER A 333 13.04 -16.20 -14.98
N SER A 334 13.25 -14.89 -15.05
CA SER A 334 14.46 -14.32 -15.62
C SER A 334 15.25 -13.68 -14.48
N SER A 335 16.43 -14.21 -14.17
CA SER A 335 17.31 -13.58 -13.19
CA SER A 335 17.31 -13.58 -13.19
C SER A 335 17.76 -12.20 -13.64
N SER A 336 17.98 -12.02 -14.94
CA SER A 336 18.42 -10.72 -15.45
C SER A 336 17.33 -9.67 -15.27
N VAL A 337 16.07 -10.05 -15.46
CA VAL A 337 14.98 -9.11 -15.25
C VAL A 337 14.58 -9.03 -13.77
N GLY A 338 14.68 -10.12 -13.02
CA GLY A 338 14.37 -10.10 -11.61
C GLY A 338 12.96 -10.57 -11.32
N GLY A 339 12.52 -11.56 -12.09
CA GLY A 339 11.25 -12.21 -11.85
C GLY A 339 10.68 -12.85 -13.10
N TYR A 340 9.46 -13.28 -12.94
CA TYR A 340 8.72 -13.89 -14.02
C TYR A 340 8.33 -12.85 -15.06
N VAL A 341 8.63 -13.22 -16.29
CA VAL A 341 8.23 -12.50 -17.50
C VAL A 341 7.44 -13.46 -18.38
N PHE A 342 6.68 -12.88 -19.30
CA PHE A 342 5.87 -13.68 -20.21
C PHE A 342 5.70 -12.96 -21.54
N PRO A 343 5.32 -13.68 -22.59
CA PRO A 343 5.13 -13.00 -23.87
C PRO A 343 3.98 -12.03 -23.81
N CYS A 344 4.21 -10.81 -24.29
CA CYS A 344 3.17 -9.82 -24.22
C CYS A 344 1.94 -10.21 -25.03
N SER A 345 2.09 -11.10 -26.00
CA SER A 345 0.96 -11.63 -26.74
C SER A 345 0.07 -12.59 -25.96
N ALA A 346 0.43 -12.96 -24.75
CA ALA A 346 -0.38 -13.95 -24.06
C ALA A 346 -1.63 -13.33 -23.44
N THR A 347 -2.62 -14.18 -23.23
CA THR A 347 -3.78 -13.88 -22.42
C THR A 347 -3.56 -14.58 -21.10
N LEU A 348 -3.52 -13.83 -19.98
CA LEU A 348 -3.20 -14.43 -18.70
C LEU A 348 -4.45 -15.01 -18.05
N PRO A 349 -4.26 -16.12 -17.33
CA PRO A 349 -5.34 -16.67 -16.50
C PRO A 349 -5.53 -15.87 -15.24
N SER A 350 -6.74 -15.95 -14.73
CA SER A 350 -7.03 -15.37 -13.42
C SER A 350 -6.31 -16.12 -12.31
N PHE A 351 -6.31 -15.48 -11.13
CA PHE A 351 -5.76 -16.10 -9.93
C PHE A 351 -6.74 -15.85 -8.79
N THR A 352 -7.14 -16.91 -8.12
CA THR A 352 -8.08 -16.81 -7.01
C THR A 352 -7.35 -17.06 -5.70
N PHE A 353 -7.61 -16.23 -4.70
CA PHE A 353 -7.14 -16.51 -3.35
C PHE A 353 -8.30 -16.65 -2.38
N GLY A 354 -8.07 -17.50 -1.37
CA GLY A 354 -9.09 -17.75 -0.36
C GLY A 354 -9.03 -16.80 0.83
N VAL A 355 -10.23 -16.41 1.27
CA VAL A 355 -10.43 -15.68 2.49
C VAL A 355 -11.47 -16.48 3.25
N GLY A 356 -11.02 -17.26 4.23
CA GLY A 356 -11.89 -18.23 4.85
C GLY A 356 -12.52 -19.10 3.78
N SER A 357 -13.82 -19.26 3.83
CA SER A 357 -14.52 -20.04 2.82
CA SER A 357 -14.53 -20.03 2.82
C SER A 357 -14.81 -19.23 1.57
N ALA A 358 -14.51 -17.94 1.55
CA ALA A 358 -14.80 -17.11 0.39
C ALA A 358 -13.59 -17.05 -0.56
N ARG A 359 -13.84 -16.49 -1.73
CA ARG A 359 -12.85 -16.48 -2.80
C ARG A 359 -12.82 -15.12 -3.47
N ILE A 360 -11.62 -14.59 -3.67
CA ILE A 360 -11.41 -13.35 -4.42
C ILE A 360 -10.70 -13.72 -5.72
N VAL A 361 -11.30 -13.33 -6.85
CA VAL A 361 -10.72 -13.62 -8.17
C VAL A 361 -10.05 -12.37 -8.71
N ILE A 362 -8.75 -12.50 -9.00
CA ILE A 362 -7.97 -11.47 -9.66
C ILE A 362 -8.01 -11.76 -11.16
N PRO A 363 -8.63 -10.90 -11.97
CA PRO A 363 -8.62 -11.15 -13.43
C PRO A 363 -7.21 -11.17 -13.99
N GLY A 364 -7.05 -12.00 -15.02
CA GLY A 364 -5.74 -12.12 -15.65
C GLY A 364 -5.14 -10.80 -16.08
N ASP A 365 -5.97 -9.87 -16.58
CA ASP A 365 -5.40 -8.62 -17.06
C ASP A 365 -4.76 -7.84 -15.91
N TYR A 366 -5.19 -8.08 -14.66
CA TYR A 366 -4.57 -7.37 -13.52
C TYR A 366 -3.11 -7.78 -13.29
N ILE A 367 -2.71 -8.92 -13.84
CA ILE A 367 -1.41 -9.54 -13.62
C ILE A 367 -0.41 -9.09 -14.68
N ASP A 368 -0.84 -8.29 -15.67
CA ASP A 368 0.02 -7.84 -16.77
C ASP A 368 0.58 -6.47 -16.40
N PHE A 369 1.90 -6.40 -16.20
CA PHE A 369 2.59 -5.14 -15.94
C PHE A 369 3.40 -4.64 -17.12
N GLY A 370 3.08 -5.12 -18.31
CA GLY A 370 3.55 -4.54 -19.53
C GLY A 370 5.01 -4.79 -19.83
N PRO A 371 5.46 -4.21 -20.92
CA PRO A 371 6.81 -4.48 -21.41
C PRO A 371 7.90 -4.20 -20.38
N ILE A 372 8.90 -5.10 -20.32
CA ILE A 372 9.96 -4.92 -19.34
C ILE A 372 10.74 -3.65 -19.61
N SER A 373 10.81 -3.24 -20.87
CA SER A 373 11.42 -1.99 -21.32
C SER A 373 10.62 -1.54 -22.52
N THR A 374 10.65 -0.22 -22.78
CA THR A 374 9.82 0.30 -23.85
C THR A 374 10.05 -0.47 -25.17
N GLY A 375 8.98 -0.97 -25.74
CA GLY A 375 9.03 -1.61 -27.02
C GLY A 375 9.33 -3.09 -26.98
N SER A 376 9.58 -3.65 -25.80
CA SER A 376 9.89 -5.06 -25.69
C SER A 376 8.61 -5.86 -25.85
N SER A 377 8.73 -7.07 -26.38
CA SER A 377 7.60 -7.99 -26.39
C SER A 377 7.63 -8.98 -25.22
N SER A 378 8.52 -8.77 -24.26
CA SER A 378 8.52 -9.51 -23.00
CA SER A 378 8.53 -9.50 -23.00
C SER A 378 7.89 -8.61 -21.94
N CYS A 379 6.90 -9.16 -21.25
CA CYS A 379 6.08 -8.42 -20.33
C CYS A 379 6.37 -8.93 -18.92
N PHE A 380 6.20 -8.03 -17.95
CA PHE A 380 6.50 -8.35 -16.57
C PHE A 380 5.28 -8.86 -15.82
N GLY A 381 5.44 -9.96 -15.07
CA GLY A 381 4.30 -10.52 -14.35
C GLY A 381 3.95 -9.82 -13.04
N GLY A 382 2.66 -9.83 -12.73
CA GLY A 382 2.15 -9.22 -11.51
C GLY A 382 2.13 -10.12 -10.30
N ILE A 383 2.44 -11.40 -10.49
CA ILE A 383 2.57 -12.39 -9.43
C ILE A 383 4.03 -12.85 -9.44
N GLN A 384 4.70 -12.68 -8.31
CA GLN A 384 6.11 -12.98 -8.24
C GLN A 384 6.39 -13.76 -6.96
N SER A 385 7.56 -14.40 -6.92
CA SER A 385 7.95 -15.18 -5.76
C SER A 385 8.33 -14.28 -4.60
N SER A 386 7.89 -14.68 -3.40
CA SER A 386 8.34 -14.03 -2.17
C SER A 386 9.57 -14.67 -1.56
N ALA A 387 10.19 -15.64 -2.23
N ALA A 387 10.18 -15.67 -2.22
CA ALA A 387 11.42 -16.22 -1.69
CA ALA A 387 11.24 -16.40 -1.55
C ALA A 387 12.54 -15.18 -1.73
C ALA A 387 12.38 -15.48 -1.09
N GLY A 388 13.16 -14.93 -0.57
N GLY A 388 12.68 -14.43 -1.86
CA GLY A 388 14.11 -13.86 -0.43
CA GLY A 388 13.73 -13.52 -1.45
C GLY A 388 13.56 -12.62 0.24
C GLY A 388 13.38 -12.56 -0.32
N ILE A 389 12.24 -12.41 0.17
N ILE A 389 12.11 -12.46 0.07
CA ILE A 389 11.60 -11.33 0.93
CA ILE A 389 11.57 -11.37 0.88
C ILE A 389 11.41 -11.74 2.37
C ILE A 389 11.42 -11.76 2.34
N GLY A 390 11.03 -12.99 2.61
CA GLY A 390 10.79 -13.45 3.95
C GLY A 390 9.37 -13.26 4.43
N ILE A 391 8.50 -12.71 3.59
CA ILE A 391 7.08 -12.64 3.88
C ILE A 391 6.31 -12.62 2.58
N ASN A 392 5.10 -13.20 2.60
CA ASN A 392 4.20 -13.08 1.47
C ASN A 392 3.48 -11.75 1.53
N ILE A 393 3.25 -11.14 0.36
CA ILE A 393 2.67 -9.78 0.33
C ILE A 393 1.49 -9.77 -0.63
N PHE A 394 0.29 -9.52 -0.08
CA PHE A 394 -0.89 -9.24 -0.86
C PHE A 394 -0.89 -7.73 -1.17
N GLY A 395 -0.19 -7.39 -2.24
CA GLY A 395 -0.08 -6.02 -2.68
C GLY A 395 -1.27 -5.60 -3.54
N ASP A 396 -1.09 -4.48 -4.26
CA ASP A 396 -2.19 -3.86 -4.99
C ASP A 396 -2.83 -4.84 -6.00
N VAL A 397 -2.03 -5.66 -6.71
CA VAL A 397 -2.61 -6.64 -7.66
C VAL A 397 -3.72 -7.44 -7.02
N ALA A 398 -3.52 -7.89 -5.79
CA ALA A 398 -4.53 -8.64 -5.07
C ALA A 398 -5.59 -7.71 -4.50
N LEU A 399 -5.16 -6.67 -3.79
CA LEU A 399 -6.12 -5.85 -3.07
C LEU A 399 -7.10 -5.13 -4.00
N LYS A 400 -6.65 -4.70 -5.19
CA LYS A 400 -7.54 -4.00 -6.12
C LYS A 400 -8.66 -4.87 -6.68
N ALA A 401 -8.56 -6.21 -6.51
CA ALA A 401 -9.66 -7.07 -6.88
C ALA A 401 -10.73 -7.16 -5.80
N ALA A 402 -10.55 -6.49 -4.68
CA ALA A 402 -11.50 -6.61 -3.57
C ALA A 402 -11.83 -5.25 -2.97
N PHE A 403 -12.87 -5.24 -2.20
CA PHE A 403 -13.13 -4.18 -1.23
C PHE A 403 -12.58 -4.69 0.11
N VAL A 404 -11.66 -3.93 0.72
CA VAL A 404 -10.87 -4.44 1.84
C VAL A 404 -11.14 -3.56 3.06
N VAL A 405 -11.56 -4.20 4.14
CA VAL A 405 -11.80 -3.57 5.46
C VAL A 405 -10.61 -3.82 6.37
N PHE A 406 -9.97 -2.75 6.80
CA PHE A 406 -8.96 -2.78 7.84
C PHE A 406 -9.65 -2.40 9.15
N ASN A 407 -9.99 -3.43 9.95
CA ASN A 407 -10.75 -3.25 11.20
C ASN A 407 -9.77 -3.11 12.36
N GLY A 408 -9.68 -1.88 12.87
CA GLY A 408 -8.80 -1.54 13.98
C GLY A 408 -9.48 -1.59 15.32
N ALA A 409 -10.49 -2.44 15.47
CA ALA A 409 -11.05 -2.73 16.78
C ALA A 409 -9.98 -3.31 17.74
N THR A 410 -10.38 -3.46 19.01
CA THR A 410 -9.44 -3.95 20.01
C THR A 410 -8.71 -5.20 19.55
N THR A 411 -9.44 -6.15 18.97
CA THR A 411 -8.83 -7.27 18.25
C THR A 411 -8.97 -6.97 16.79
N PRO A 412 -7.91 -6.55 16.09
CA PRO A 412 -8.04 -6.19 14.67
C PRO A 412 -8.36 -7.40 13.83
N THR A 413 -9.07 -7.14 12.72
CA THR A 413 -9.37 -8.13 11.69
C THR A 413 -9.32 -7.47 10.34
N LEU A 414 -9.28 -8.31 9.30
N LEU A 414 -9.40 -8.30 9.29
CA LEU A 414 -9.37 -7.85 7.91
CA LEU A 414 -9.32 -7.88 7.89
C LEU A 414 -10.65 -8.41 7.31
C LEU A 414 -10.51 -8.48 7.16
N GLY A 415 -11.28 -7.64 6.46
CA GLY A 415 -12.45 -8.09 5.71
C GLY A 415 -12.21 -7.93 4.22
N PHE A 416 -12.64 -8.94 3.45
CA PHE A 416 -12.58 -8.89 2.00
C PHE A 416 -13.93 -9.19 1.41
N ALA A 417 -14.33 -8.38 0.41
CA ALA A 417 -15.50 -8.66 -0.40
C ALA A 417 -15.14 -8.51 -1.86
N SER A 418 -15.85 -9.22 -2.71
CA SER A 418 -15.77 -8.95 -4.14
C SER A 418 -16.46 -7.63 -4.45
N LYS A 419 -16.24 -7.12 -5.67
CA LYS A 419 -16.83 -5.82 -6.03
C LYS A 419 -17.02 -5.71 -7.54
C1 GOL B . -12.74 -7.92 -10.38
O1 GOL B . -13.83 -8.30 -11.19
C2 GOL B . -12.82 -8.82 -9.12
O2 GOL B . -13.01 -10.19 -9.42
C3 GOL B . -14.06 -8.30 -8.36
O3 GOL B . -13.97 -8.77 -7.04
H11 GOL B . -12.79 -6.99 -10.11
H12 GOL B . -11.89 -8.04 -10.81
HO1 GOL B . -14.46 -7.77 -11.01
H2 GOL B . -12.00 -8.75 -8.63
HO2 GOL B . -12.36 -10.45 -9.89
H31 GOL B . -14.86 -8.60 -8.83
H32 GOL B . -14.07 -7.33 -8.43
HO3 GOL B . -13.41 -8.28 -6.64
N1 ZSY C . 7.52 -4.03 2.41
C7 ZSY C . 9.53 0.29 9.53
C8 ZSY C . 10.79 -0.07 9.26
N2 ZSY C . 7.43 -4.97 -1.19
C9 ZSY C . 7.82 -1.85 4.72
O1 ZSY C . 10.83 -0.83 8.11
C1 ZSY C . 8.75 -2.56 3.95
C5 ZSY C . 9.54 -0.92 7.66
C6 ZSY C . 8.70 -0.26 8.48
C4 ZSY C . 9.31 -1.59 6.45
C3 ZSY C . 10.30 -2.28 5.76
C2 ZSY C . 10.01 -2.77 4.49
N ZSY C . 8.07 -1.40 5.98
C ZSY C . 8.38 -3.01 2.56
O ZSY C . 8.75 -2.33 1.61
C10 ZSY C . 6.96 -4.26 1.08
C11 ZSY C . 7.86 -4.96 0.08
C12 ZSY C . 9.06 -5.57 0.47
C13 ZSY C . 9.81 -6.18 -0.50
C14 ZSY C . 9.38 -6.22 -1.80
C15 ZSY C . 8.19 -5.60 -2.10
C16 ZSY C . 7.02 -4.84 3.53
C17 ZSY C . 7.31 -6.31 3.46
C18 ZSY C . 7.94 -5.45 4.53
O2 ZSY C . 6.63 -1.45 4.23
H3 ZSY C . 9.15 0.89 10.36
H4 ZSY C . 11.75 0.10 9.73
H2 ZSY C . 7.62 -0.16 8.38
H1 ZSY C . 11.30 -2.43 6.18
H ZSY C . 10.77 -3.33 3.95
H7 ZSY C . 6.66 -3.31 0.65
H6 ZSY C . 6.03 -4.83 1.16
H8 ZSY C . 9.37 -5.56 1.51
H9 ZSY C . 10.76 -6.65 -0.23
H10 ZSY C . 9.96 -6.70 -2.59
H11 ZSY C . 7.79 -5.58 -3.11
H12 ZSY C . 6.09 -4.43 3.93
H14 ZSY C . 7.92 -6.71 2.66
H13 ZSY C . 6.55 -7.04 3.73
H15 ZSY C . 9.01 -5.25 4.51
H16 ZSY C . 7.64 -5.57 5.57
H5 ZSY C . 6.55 -1.70 3.27
#